data_5EKI
#
_entry.id   5EKI
#
_cell.length_a   65.752
_cell.length_b   58.244
_cell.length_c   66.054
_cell.angle_alpha   90.00
_cell.angle_beta   119.94
_cell.angle_gamma   90.00
#
_symmetry.space_group_name_H-M   'P 1 21 1'
#
loop_
_entity.id
_entity.type
_entity.pdbx_description
1 polymer 'C-C motif chemokine 21'
2 non-polymer 'SULFATE ION'
3 water water
#
_entity_poly.entity_id   1
_entity_poly.type   'polypeptide(L)'
_entity_poly.pdbx_seq_one_letter_code
;SDGGAQDCCLKYSQRKIPAKVVRSYRKQEPSLGCSIPAILFLPRKRSQAELCADPKELWVQQLMQHLDKTPSPQKPAQG
;
_entity_poly.pdbx_strand_id   A,B,C,D,E,F
#
loop_
_chem_comp.id
_chem_comp.type
_chem_comp.name
_chem_comp.formula
SO4 non-polymer 'SULFATE ION' 'O4 S -2'
#
# COMPACT_ATOMS: atom_id res chain seq x y z
N GLN A 6 -6.93 1.67 -16.54
CA GLN A 6 -7.87 0.52 -16.64
C GLN A 6 -9.36 0.96 -16.39
N ASP A 7 -9.74 1.19 -15.13
CA ASP A 7 -11.13 1.54 -14.82
C ASP A 7 -11.48 2.92 -15.35
N CYS A 8 -12.77 3.17 -15.58
CA CYS A 8 -13.19 4.49 -16.00
C CYS A 8 -14.62 4.80 -15.73
N CYS A 9 -14.94 6.08 -15.76
CA CYS A 9 -16.27 6.55 -15.47
C CYS A 9 -17.24 6.23 -16.60
N LEU A 10 -18.41 5.69 -16.24
CA LEU A 10 -19.56 5.46 -17.15
C LEU A 10 -20.81 6.34 -16.84
N LYS A 11 -20.86 6.97 -15.65
CA LYS A 11 -21.98 7.79 -15.29
C LYS A 11 -21.46 9.00 -14.50
N TYR A 12 -22.33 9.99 -14.26
CA TYR A 12 -21.88 11.20 -13.57
C TYR A 12 -22.64 11.43 -12.27
N SER A 13 -21.98 11.99 -11.26
CA SER A 13 -22.63 12.32 -10.03
C SER A 13 -23.96 13.07 -10.24
N GLN A 14 -24.99 12.65 -9.53
CA GLN A 14 -26.24 13.43 -9.47
C GLN A 14 -26.20 14.42 -8.27
N ARG A 15 -25.10 14.43 -7.53
CA ARG A 15 -25.01 15.30 -6.37
C ARG A 15 -23.72 16.11 -6.40
N LYS A 16 -23.84 17.38 -6.05
CA LYS A 16 -22.70 18.28 -5.93
C LYS A 16 -21.91 17.85 -4.73
N ILE A 17 -20.59 17.96 -4.75
CA ILE A 17 -19.82 17.68 -3.54
C ILE A 17 -18.99 18.89 -3.14
N PRO A 18 -18.79 19.06 -1.83
CA PRO A 18 -18.06 20.23 -1.40
C PRO A 18 -16.55 19.99 -1.43
N ALA A 19 -15.79 21.05 -1.65
CA ALA A 19 -14.35 20.92 -1.77
C ALA A 19 -13.68 20.36 -0.51
N LYS A 20 -14.33 20.55 0.64
CA LYS A 20 -13.79 20.11 1.93
C LYS A 20 -13.52 18.62 1.99
N VAL A 21 -14.25 17.84 1.21
CA VAL A 21 -14.03 16.37 1.13
C VAL A 21 -13.17 15.86 -0.04
N VAL A 22 -12.64 16.76 -0.85
CA VAL A 22 -11.89 16.35 -2.05
C VAL A 22 -10.47 16.78 -1.85
N ARG A 23 -9.54 15.94 -2.23
CA ARG A 23 -8.14 16.24 -2.13
C ARG A 23 -7.56 16.69 -3.48
N SER A 24 -7.99 16.07 -4.60
CA SER A 24 -7.52 16.43 -5.95
C SER A 24 -8.49 15.93 -7.06
N TYR A 25 -8.22 16.31 -8.31
CA TYR A 25 -8.97 15.74 -9.41
C TYR A 25 -8.07 15.18 -10.53
N ARG A 26 -8.66 14.32 -11.37
CA ARG A 26 -8.06 13.96 -12.66
C ARG A 26 -9.12 14.05 -13.77
N LYS A 27 -8.64 13.99 -15.01
CA LYS A 27 -9.47 14.03 -16.19
C LYS A 27 -9.49 12.68 -16.86
N GLN A 28 -10.65 12.34 -17.41
CA GLN A 28 -10.79 11.16 -18.24
C GLN A 28 -11.18 11.68 -19.59
N GLU A 29 -10.34 11.39 -20.60
CA GLU A 29 -10.69 11.60 -22.01
C GLU A 29 -11.31 10.35 -22.61
N PRO A 30 -12.22 10.52 -23.60
CA PRO A 30 -12.72 9.43 -24.42
C PRO A 30 -11.62 8.55 -25.01
N SER A 31 -11.91 7.26 -25.04
CA SER A 31 -10.96 6.21 -25.38
C SER A 31 -11.74 4.93 -25.75
N LEU A 32 -11.02 3.89 -26.13
CA LEU A 32 -11.68 2.63 -26.51
C LEU A 32 -12.34 1.97 -25.32
N GLY A 33 -11.58 1.84 -24.24
CA GLY A 33 -12.16 1.28 -23.00
C GLY A 33 -13.28 2.12 -22.37
N CYS A 34 -13.25 3.43 -22.66
CA CYS A 34 -14.07 4.42 -21.96
C CYS A 34 -14.57 5.47 -22.93
N SER A 35 -15.88 5.59 -23.11
CA SER A 35 -16.40 6.35 -24.24
C SER A 35 -16.78 7.80 -23.94
N ILE A 36 -16.92 8.17 -22.66
CA ILE A 36 -17.29 9.54 -22.28
C ILE A 36 -16.14 10.23 -21.63
N PRO A 37 -16.09 11.57 -21.72
CA PRO A 37 -15.15 12.33 -20.91
C PRO A 37 -15.70 12.43 -19.48
N ALA A 38 -14.85 12.55 -18.48
CA ALA A 38 -15.31 12.71 -17.08
C ALA A 38 -14.21 13.37 -16.23
N ILE A 39 -14.67 13.99 -15.18
CA ILE A 39 -13.80 14.47 -14.09
C ILE A 39 -13.88 13.48 -12.93
N LEU A 40 -12.72 13.03 -12.44
CA LEU A 40 -12.62 12.13 -11.30
C LEU A 40 -12.18 12.92 -10.06
N PHE A 41 -13.02 13.08 -9.04
CA PHE A 41 -12.66 13.76 -7.79
C PHE A 41 -12.17 12.74 -6.77
N LEU A 42 -10.94 12.96 -6.26
CA LEU A 42 -10.33 12.02 -5.33
C LEU A 42 -10.61 12.43 -3.89
N PRO A 43 -10.98 11.48 -3.05
CA PRO A 43 -11.45 11.86 -1.72
C PRO A 43 -10.31 12.06 -0.74
N ARG A 44 -10.50 12.95 0.21
CA ARG A 44 -9.60 13.08 1.37
C ARG A 44 -9.59 11.83 2.27
N LYS A 45 -10.77 11.32 2.59
CA LYS A 45 -10.88 10.10 3.43
C LYS A 45 -10.80 8.84 2.55
N ARG A 46 -9.99 7.83 2.94
CA ARG A 46 -9.98 6.51 2.26
C ARG A 46 -11.28 5.65 2.42
N SER A 47 -12.13 5.99 3.40
CA SER A 47 -13.47 5.41 3.50
C SER A 47 -14.37 5.72 2.29
N GLN A 48 -13.90 6.59 1.39
CA GLN A 48 -14.71 7.03 0.25
C GLN A 48 -14.10 6.64 -1.09
N ALA A 49 -14.95 6.54 -2.10
CA ALA A 49 -14.51 6.12 -3.41
C ALA A 49 -14.20 7.36 -4.24
N GLU A 50 -13.54 7.18 -5.38
CA GLU A 50 -13.40 8.23 -6.37
C GLU A 50 -14.79 8.49 -6.98
N LEU A 51 -15.03 9.74 -7.37
CA LEU A 51 -16.35 10.22 -7.76
C LEU A 51 -16.26 10.75 -9.19
N CYS A 52 -17.07 10.20 -10.06
CA CYS A 52 -17.15 10.60 -11.47
C CYS A 52 -18.17 11.72 -11.66
N ALA A 53 -17.78 12.72 -12.43
CA ALA A 53 -18.59 13.93 -12.57
C ALA A 53 -18.51 14.52 -13.98
N ASP A 54 -19.59 15.21 -14.39
CA ASP A 54 -19.75 15.77 -15.71
C ASP A 54 -18.91 17.04 -15.84
N PRO A 55 -17.97 17.06 -16.78
CA PRO A 55 -17.14 18.23 -17.08
C PRO A 55 -17.89 19.50 -17.47
N LYS A 56 -19.04 19.37 -18.09
CA LYS A 56 -19.87 20.54 -18.43
C LYS A 56 -20.65 21.18 -17.26
N GLU A 57 -20.91 20.48 -16.17
CA GLU A 57 -21.61 21.08 -15.04
C GLU A 57 -20.84 22.22 -14.32
N LEU A 58 -21.57 23.30 -14.09
CA LEU A 58 -20.94 24.46 -13.53
C LEU A 58 -20.29 24.16 -12.19
N TRP A 59 -20.96 23.43 -11.28
CA TRP A 59 -20.32 23.14 -9.96
C TRP A 59 -19.03 22.33 -10.15
N VAL A 60 -18.98 21.48 -11.18
CA VAL A 60 -17.76 20.68 -11.45
C VAL A 60 -16.60 21.55 -11.88
N GLN A 61 -16.85 22.42 -12.88
CA GLN A 61 -15.91 23.45 -13.28
C GLN A 61 -15.42 24.33 -12.13
N GLN A 62 -16.35 24.78 -11.29
CA GLN A 62 -16.01 25.60 -10.16
C GLN A 62 -15.07 24.86 -9.20
N LEU A 63 -15.41 23.62 -8.87
CA LEU A 63 -14.56 22.83 -7.96
C LEU A 63 -13.16 22.61 -8.52
N MET A 64 -13.06 22.22 -9.77
CA MET A 64 -11.76 22.05 -10.42
C MET A 64 -10.95 23.34 -10.32
N GLN A 65 -11.62 24.46 -10.53
CA GLN A 65 -10.94 25.78 -10.54
C GLN A 65 -10.40 26.13 -9.16
N HIS A 66 -11.13 25.75 -8.10
CA HIS A 66 -10.64 25.96 -6.74
C HIS A 66 -9.50 25.01 -6.43
N LEU A 67 -9.65 23.75 -6.84
CA LEU A 67 -8.60 22.78 -6.61
C LEU A 67 -7.32 23.18 -7.35
N ASP A 68 -7.48 23.78 -8.54
CA ASP A 68 -6.35 24.27 -9.30
C ASP A 68 -5.52 25.41 -8.64
N LYS A 69 -6.05 26.09 -7.64
CA LYS A 69 -5.26 27.04 -6.83
C LYS A 69 -4.09 26.33 -6.11
N THR A 70 -4.25 25.05 -5.80
CA THR A 70 -3.21 24.19 -5.20
C THR A 70 -3.12 22.88 -6.00
N PRO A 71 -2.68 22.97 -7.28
CA PRO A 71 -2.81 21.86 -8.24
C PRO A 71 -2.02 20.65 -7.92
N SER A 72 -2.52 19.50 -8.37
CA SER A 72 -1.83 18.19 -8.19
C SER A 72 -1.38 17.73 -9.56
N PRO A 73 -0.52 16.73 -9.66
CA PRO A 73 -0.17 16.23 -11.00
C PRO A 73 -1.39 15.65 -11.76
N GLN A 74 -1.34 15.64 -13.09
CA GLN A 74 -2.39 15.15 -13.93
C GLN A 74 -1.87 14.02 -14.83
N LYS A 75 -2.81 13.34 -15.47
CA LYS A 75 -2.45 12.25 -16.37
C LYS A 75 -1.71 12.85 -17.59
N PRO A 76 -0.56 12.25 -17.98
CA PRO A 76 0.12 12.73 -19.21
C PRO A 76 -0.84 12.66 -20.40
N ALA A 77 -0.86 13.71 -21.23
CA ALA A 77 -1.97 14.02 -22.16
C ALA A 77 -3.27 14.40 -21.44
N GLN B 6 13.76 -8.89 -2.68
CA GLN B 6 15.16 -9.35 -2.97
C GLN B 6 16.23 -8.99 -1.92
N ASP B 7 15.95 -8.06 -1.00
CA ASP B 7 16.80 -7.77 0.16
C ASP B 7 17.01 -9.01 1.04
N CYS B 8 18.11 -9.06 1.77
CA CYS B 8 18.39 -10.25 2.55
C CYS B 8 19.24 -10.00 3.76
N CYS B 9 19.22 -10.95 4.69
CA CYS B 9 19.93 -10.81 5.97
C CYS B 9 21.46 -10.99 5.80
N LEU B 10 22.21 -10.03 6.37
CA LEU B 10 23.66 -10.09 6.46
C LEU B 10 24.20 -10.24 7.92
N LYS B 11 23.36 -9.98 8.93
CA LYS B 11 23.74 -10.09 10.32
C LYS B 11 22.59 -10.69 11.11
N TYR B 12 22.86 -11.07 12.35
CA TYR B 12 21.88 -11.69 13.20
C TYR B 12 21.64 -10.83 14.40
N SER B 13 20.40 -10.77 14.87
CA SER B 13 20.07 -10.06 16.07
C SER B 13 20.91 -10.50 17.24
N GLN B 14 21.35 -9.51 17.99
CA GLN B 14 22.03 -9.72 19.27
C GLN B 14 21.01 -9.63 20.42
N ARG B 15 19.74 -9.43 20.09
CA ARG B 15 18.67 -9.36 21.10
C ARG B 15 17.66 -10.45 20.84
N LYS B 16 17.29 -11.17 21.89
CA LYS B 16 16.14 -12.10 21.89
C LYS B 16 14.85 -11.29 21.78
N ILE B 17 13.87 -11.69 20.97
CA ILE B 17 12.63 -10.88 20.88
C ILE B 17 11.43 -11.64 21.35
N PRO B 18 10.53 -10.97 22.09
CA PRO B 18 9.38 -11.71 22.60
C PRO B 18 8.36 -11.98 21.51
N ALA B 19 7.61 -13.07 21.63
CA ALA B 19 6.67 -13.49 20.61
C ALA B 19 5.53 -12.52 20.43
N LYS B 20 5.14 -11.84 21.50
CA LYS B 20 4.17 -10.74 21.41
C LYS B 20 4.43 -9.63 20.37
N VAL B 21 5.67 -9.41 19.94
CA VAL B 21 5.94 -8.37 18.94
C VAL B 21 6.00 -8.87 17.49
N VAL B 22 5.74 -10.17 17.29
CA VAL B 22 6.05 -10.85 16.03
C VAL B 22 4.78 -11.38 15.40
N ARG B 23 4.65 -11.18 14.12
CA ARG B 23 3.43 -11.50 13.38
C ARG B 23 3.64 -12.88 12.76
N SER B 24 4.89 -13.20 12.37
CA SER B 24 5.15 -14.42 11.61
C SER B 24 6.63 -14.47 11.35
N TYR B 25 7.08 -15.50 10.69
CA TYR B 25 8.47 -15.60 10.27
C TYR B 25 8.57 -16.17 8.86
N ARG B 26 9.76 -16.05 8.30
CA ARG B 26 10.11 -16.55 6.98
C ARG B 26 11.55 -17.09 7.06
N LYS B 27 11.97 -17.94 6.12
CA LYS B 27 13.39 -18.41 6.09
C LYS B 27 14.13 -17.86 4.92
N GLN B 28 15.40 -17.61 5.11
CA GLN B 28 16.33 -17.24 4.05
C GLN B 28 17.36 -18.38 3.97
N GLU B 29 17.50 -18.98 2.80
CA GLU B 29 18.59 -19.93 2.55
C GLU B 29 19.69 -19.14 1.84
N PRO B 30 20.97 -19.62 1.92
CA PRO B 30 22.11 -18.91 1.33
C PRO B 30 22.10 -18.76 -0.18
N SER B 31 22.49 -17.58 -0.62
CA SER B 31 22.74 -17.24 -2.03
C SER B 31 23.89 -16.21 -2.14
N LEU B 32 24.13 -15.68 -3.34
CA LEU B 32 25.27 -14.82 -3.61
C LEU B 32 24.92 -13.45 -3.08
N GLY B 33 25.79 -12.88 -2.26
CA GLY B 33 25.49 -11.62 -1.56
C GLY B 33 24.50 -11.78 -0.40
N CYS B 34 23.91 -12.98 -0.29
CA CYS B 34 22.93 -13.37 0.71
C CYS B 34 23.40 -14.73 1.24
N SER B 35 24.67 -14.81 1.58
CA SER B 35 25.37 -16.07 1.78
C SER B 35 25.35 -16.62 3.21
N ILE B 36 24.26 -16.37 3.93
CA ILE B 36 24.05 -17.04 5.20
C ILE B 36 22.58 -17.47 5.24
N PRO B 37 22.29 -18.59 5.94
CA PRO B 37 20.91 -18.85 6.25
C PRO B 37 20.43 -17.88 7.37
N ALA B 38 19.14 -17.60 7.38
CA ALA B 38 18.61 -16.63 8.33
C ALA B 38 17.13 -16.87 8.51
N ILE B 39 16.65 -16.61 9.71
CA ILE B 39 15.22 -16.48 9.99
C ILE B 39 14.91 -14.98 10.08
N LEU B 40 13.84 -14.58 9.39
CA LEU B 40 13.41 -13.22 9.30
C LEU B 40 12.11 -13.15 10.05
N PHE B 41 12.05 -12.43 11.15
CA PHE B 41 10.83 -12.24 11.97
C PHE B 41 10.10 -10.96 11.55
N LEU B 42 8.81 -11.09 11.23
CA LEU B 42 8.01 -9.98 10.67
C LEU B 42 7.22 -9.34 11.86
N PRO B 43 7.31 -8.03 12.06
CA PRO B 43 6.71 -7.42 13.26
C PRO B 43 5.19 -7.24 13.17
N ARG B 44 4.54 -7.22 14.31
CA ARG B 44 3.11 -6.86 14.35
C ARG B 44 2.91 -5.40 13.93
N LYS B 45 3.77 -4.52 14.41
CA LYS B 45 3.67 -3.11 14.10
C LYS B 45 4.37 -2.76 12.79
N ARG B 46 3.67 -2.04 11.91
CA ARG B 46 4.27 -1.26 10.80
C ARG B 46 5.48 -0.33 11.13
N SER B 47 5.57 0.20 12.35
CA SER B 47 6.70 1.05 12.72
C SER B 47 8.03 0.33 12.98
N GLN B 48 8.03 -0.99 12.88
CA GLN B 48 9.21 -1.77 13.17
C GLN B 48 9.71 -2.48 11.92
N ALA B 49 10.99 -2.72 11.86
CA ALA B 49 11.55 -3.38 10.70
C ALA B 49 11.49 -4.88 11.00
N GLU B 50 11.65 -5.65 9.94
CA GLU B 50 11.88 -7.08 9.98
C GLU B 50 13.21 -7.34 10.67
N LEU B 51 13.32 -8.43 11.41
CA LEU B 51 14.47 -8.73 12.19
C LEU B 51 15.13 -10.03 11.66
N CYS B 52 16.43 -9.97 11.36
CA CYS B 52 17.22 -11.11 10.98
C CYS B 52 17.72 -11.78 12.25
N ALA B 53 17.62 -13.11 12.26
CA ALA B 53 18.06 -13.93 13.36
C ALA B 53 18.71 -15.22 12.96
N ASP B 54 19.54 -15.72 13.90
CA ASP B 54 20.31 -16.94 13.67
C ASP B 54 19.49 -18.21 13.86
N PRO B 55 19.32 -19.04 12.80
CA PRO B 55 18.55 -20.27 12.91
C PRO B 55 19.09 -21.27 13.95
N LYS B 56 20.39 -21.24 14.20
CA LYS B 56 21.02 -22.06 15.22
C LYS B 56 20.67 -21.70 16.68
N GLU B 57 20.34 -20.45 16.95
CA GLU B 57 20.18 -20.01 18.29
C GLU B 57 18.90 -20.63 18.87
N LEU B 58 19.03 -21.11 20.11
CA LEU B 58 17.92 -21.77 20.74
C LEU B 58 16.62 -20.90 20.85
N TRP B 59 16.80 -19.61 21.18
CA TRP B 59 15.60 -18.73 21.38
C TRP B 59 14.90 -18.53 20.03
N VAL B 60 15.66 -18.59 18.94
CA VAL B 60 15.12 -18.50 17.57
C VAL B 60 14.28 -19.70 17.16
N GLN B 61 14.82 -20.88 17.42
CA GLN B 61 14.04 -22.11 17.28
C GLN B 61 12.79 -22.17 18.16
N GLN B 62 12.86 -21.65 19.37
CA GLN B 62 11.74 -21.66 20.29
C GLN B 62 10.61 -20.77 19.76
N LEU B 63 11.00 -19.59 19.31
CA LEU B 63 10.05 -18.62 18.83
C LEU B 63 9.38 -19.14 17.55
N MET B 64 10.16 -19.73 16.64
CA MET B 64 9.56 -20.30 15.42
C MET B 64 8.59 -21.40 15.77
N GLN B 65 8.96 -22.25 16.69
CA GLN B 65 8.06 -23.34 17.14
C GLN B 65 6.79 -22.81 17.76
N HIS B 66 6.88 -21.72 18.52
CA HIS B 66 5.71 -21.08 19.05
C HIS B 66 4.81 -20.50 17.95
N LEU B 67 5.39 -19.83 16.97
CA LEU B 67 4.62 -19.24 15.87
C LEU B 67 3.98 -20.30 14.98
N ASP B 68 4.66 -21.43 14.85
CA ASP B 68 4.18 -22.58 14.04
C ASP B 68 2.93 -23.24 14.54
N LYS B 69 2.54 -22.96 15.77
CA LYS B 69 1.25 -23.37 16.27
C LYS B 69 0.10 -22.66 15.59
N THR B 70 0.32 -21.44 15.09
CA THR B 70 -0.65 -20.68 14.34
C THR B 70 0.11 -20.28 13.06
N PRO B 71 0.49 -21.25 12.20
CA PRO B 71 1.45 -21.03 11.07
C PRO B 71 0.91 -20.12 9.98
N SER B 72 1.81 -19.43 9.31
CA SER B 72 1.51 -18.54 8.19
C SER B 72 2.18 -19.12 6.92
N PRO B 73 1.74 -18.68 5.75
CA PRO B 73 2.42 -19.21 4.55
C PRO B 73 3.97 -18.95 4.56
N GLN B 74 4.71 -19.86 3.97
CA GLN B 74 6.17 -19.85 3.96
C GLN B 74 6.71 -19.94 2.54
N LYS B 75 8.02 -19.78 2.37
CA LYS B 75 8.69 -20.00 1.07
C LYS B 75 8.83 -21.49 0.69
N PRO B 76 8.36 -21.87 -0.52
CA PRO B 76 8.49 -23.25 -0.96
C PRO B 76 9.82 -23.46 -1.70
N ASP C 7 4.32 -18.42 -2.12
CA ASP C 7 4.18 -18.70 -0.63
C ASP C 7 3.04 -19.70 -0.38
N CYS C 8 3.30 -20.64 0.49
CA CYS C 8 2.52 -21.87 0.68
C CYS C 8 2.40 -22.15 2.12
N CYS C 9 1.23 -22.65 2.53
CA CYS C 9 1.10 -23.27 3.84
C CYS C 9 1.90 -24.59 3.88
N LEU C 10 2.72 -24.75 4.92
CA LEU C 10 3.43 -26.00 5.20
C LEU C 10 2.92 -26.81 6.41
N LYS C 11 2.11 -26.14 7.25
CA LYS C 11 1.63 -26.69 8.52
C LYS C 11 0.27 -26.15 8.78
N TYR C 12 -0.42 -26.76 9.74
CA TYR C 12 -1.76 -26.40 10.03
C TYR C 12 -1.90 -25.85 11.45
N SER C 13 -2.76 -24.87 11.62
CA SER C 13 -3.04 -24.32 12.93
C SER C 13 -3.38 -25.43 13.91
N GLN C 14 -2.75 -25.35 15.04
CA GLN C 14 -3.07 -26.19 16.21
C GLN C 14 -4.12 -25.50 17.08
N ARG C 15 -4.49 -24.27 16.75
CA ARG C 15 -5.51 -23.55 17.51
C ARG C 15 -6.73 -23.23 16.66
N LYS C 16 -7.92 -23.38 17.21
CA LYS C 16 -9.17 -23.02 16.54
C LYS C 16 -9.29 -21.52 16.70
N ILE C 17 -9.72 -20.80 15.66
CA ILE C 17 -9.89 -19.34 15.80
C ILE C 17 -11.37 -18.97 15.58
N PRO C 18 -11.85 -17.95 16.31
CA PRO C 18 -13.23 -17.52 16.09
C PRO C 18 -13.33 -16.63 14.83
N ALA C 19 -14.53 -16.58 14.27
CA ALA C 19 -14.82 -15.83 13.04
C ALA C 19 -14.64 -14.31 13.16
N LYS C 20 -14.81 -13.77 14.37
CA LYS C 20 -14.67 -12.33 14.62
C LYS C 20 -13.28 -11.75 14.34
N VAL C 21 -12.29 -12.64 14.17
CA VAL C 21 -10.89 -12.28 14.00
C VAL C 21 -10.56 -12.37 12.51
N VAL C 22 -11.52 -12.79 11.70
CA VAL C 22 -11.21 -13.26 10.34
C VAL C 22 -11.96 -12.41 9.35
N ARG C 23 -11.30 -12.08 8.23
CA ARG C 23 -11.85 -11.20 7.23
C ARG C 23 -12.44 -11.96 6.07
N SER C 24 -11.67 -12.92 5.59
CA SER C 24 -12.09 -13.77 4.54
C SER C 24 -11.27 -15.07 4.62
N TYR C 25 -11.45 -15.97 3.66
CA TYR C 25 -10.54 -17.10 3.50
C TYR C 25 -10.21 -17.28 2.04
N ARG C 26 -9.12 -17.96 1.78
CA ARG C 26 -8.81 -18.47 0.43
C ARG C 26 -8.40 -19.91 0.58
N LYS C 27 -8.36 -20.63 -0.53
CA LYS C 27 -7.98 -22.04 -0.56
C LYS C 27 -6.64 -22.25 -1.25
N GLN C 28 -5.82 -23.12 -0.71
CA GLN C 28 -4.58 -23.53 -1.34
C GLN C 28 -4.85 -24.91 -1.89
N GLU C 29 -4.84 -25.02 -3.21
CA GLU C 29 -5.13 -26.25 -3.92
C GLU C 29 -3.80 -26.77 -4.37
N PRO C 30 -3.50 -28.08 -4.15
CA PRO C 30 -2.20 -28.62 -4.57
C PRO C 30 -1.94 -28.55 -6.09
N SER C 31 -3.01 -28.56 -6.87
CA SER C 31 -2.98 -28.43 -8.32
C SER C 31 -2.27 -27.14 -8.77
N LEU C 32 -2.24 -26.13 -7.88
CA LEU C 32 -1.62 -24.84 -8.12
C LEU C 32 -0.12 -24.73 -7.76
N GLY C 33 0.44 -25.70 -7.04
CA GLY C 33 1.88 -25.71 -6.76
C GLY C 33 2.25 -26.28 -5.41
N CYS C 34 1.52 -25.86 -4.38
CA CYS C 34 1.88 -26.22 -3.03
C CYS C 34 1.62 -27.74 -2.87
N SER C 35 2.36 -28.31 -1.95
CA SER C 35 2.38 -29.75 -1.74
C SER C 35 1.12 -30.26 -1.02
N ILE C 36 0.60 -29.46 -0.10
CA ILE C 36 -0.56 -29.87 0.67
C ILE C 36 -1.69 -28.90 0.38
N PRO C 37 -2.94 -29.38 0.45
CA PRO C 37 -4.01 -28.42 0.40
C PRO C 37 -4.12 -27.66 1.79
N ALA C 38 -4.56 -26.42 1.75
CA ALA C 38 -4.71 -25.66 3.00
C ALA C 38 -5.87 -24.73 2.82
N ILE C 39 -6.43 -24.31 3.93
CA ILE C 39 -7.32 -23.14 3.94
C ILE C 39 -6.55 -22.02 4.61
N LEU C 40 -6.50 -20.85 3.97
CA LEU C 40 -5.87 -19.65 4.51
C LEU C 40 -6.89 -18.71 5.05
N PHE C 41 -6.88 -18.46 6.34
CA PHE C 41 -7.76 -17.45 6.97
C PHE C 41 -7.06 -16.10 7.06
N LEU C 42 -7.66 -15.07 6.44
CA LEU C 42 -7.02 -13.73 6.38
C LEU C 42 -7.60 -12.87 7.54
N PRO C 43 -6.78 -12.09 8.27
CA PRO C 43 -7.26 -11.43 9.52
C PRO C 43 -8.02 -10.11 9.32
N ARG C 44 -8.90 -9.73 10.24
CA ARG C 44 -9.45 -8.35 10.23
C ARG C 44 -8.34 -7.32 10.13
N LYS C 45 -7.34 -7.49 10.98
CA LYS C 45 -6.26 -6.50 11.13
C LYS C 45 -4.96 -7.07 10.64
N ARG C 46 -4.21 -6.26 9.90
CA ARG C 46 -2.89 -6.68 9.40
C ARG C 46 -1.73 -6.47 10.38
N SER C 47 -2.04 -6.21 11.65
CA SER C 47 -1.10 -6.52 12.71
C SER C 47 -1.03 -8.06 12.94
N GLN C 48 -2.05 -8.82 12.48
CA GLN C 48 -2.02 -10.30 12.52
C GLN C 48 -1.73 -10.95 11.15
N ALA C 49 -1.28 -12.18 11.15
CA ALA C 49 -0.75 -12.80 9.90
C ALA C 49 -1.88 -13.65 9.37
N GLU C 50 -1.70 -14.16 8.17
CA GLU C 50 -2.59 -15.14 7.58
C GLU C 50 -2.39 -16.45 8.34
N LEU C 51 -3.45 -17.26 8.46
CA LEU C 51 -3.44 -18.45 9.32
C LEU C 51 -3.73 -19.66 8.43
N CYS C 52 -2.77 -20.55 8.30
CA CYS C 52 -2.93 -21.81 7.56
C CYS C 52 -3.69 -22.81 8.44
N ALA C 53 -4.65 -23.50 7.83
CA ALA C 53 -5.50 -24.48 8.55
C ALA C 53 -5.84 -25.70 7.74
N ASP C 54 -6.21 -26.76 8.46
CA ASP C 54 -6.51 -28.05 7.82
C ASP C 54 -7.93 -28.10 7.24
N PRO C 55 -8.08 -28.27 5.88
CA PRO C 55 -9.38 -28.44 5.21
C PRO C 55 -10.26 -29.59 5.78
N LYS C 56 -9.64 -30.64 6.31
CA LYS C 56 -10.41 -31.73 6.95
C LYS C 56 -10.98 -31.46 8.34
N GLU C 57 -10.44 -30.48 9.05
CA GLU C 57 -10.90 -30.23 10.40
C GLU C 57 -12.31 -29.60 10.35
N LEU C 58 -13.19 -30.14 11.19
CA LEU C 58 -14.57 -29.68 11.23
C LEU C 58 -14.69 -28.18 11.55
N TRP C 59 -13.91 -27.70 12.52
CA TRP C 59 -13.98 -26.24 12.88
C TRP C 59 -13.62 -25.32 11.67
N VAL C 60 -12.67 -25.81 10.85
CA VAL C 60 -12.31 -25.14 9.58
C VAL C 60 -13.45 -25.11 8.60
N GLN C 61 -14.07 -26.25 8.33
CA GLN C 61 -15.26 -26.28 7.50
C GLN C 61 -16.38 -25.36 8.01
N GLN C 62 -16.58 -25.36 9.33
CA GLN C 62 -17.62 -24.55 9.93
C GLN C 62 -17.35 -23.09 9.70
N LEU C 63 -16.09 -22.71 9.83
CA LEU C 63 -15.75 -21.30 9.72
C LEU C 63 -15.88 -20.87 8.26
N MET C 64 -15.36 -21.67 7.34
CA MET C 64 -15.53 -21.36 5.92
C MET C 64 -17.03 -21.24 5.54
N GLN C 65 -17.84 -22.19 5.94
CA GLN C 65 -19.28 -22.13 5.63
C GLN C 65 -19.97 -20.88 6.25
N HIS C 66 -19.50 -20.44 7.41
CA HIS C 66 -19.98 -19.17 8.00
C HIS C 66 -19.56 -17.95 7.17
N LEU C 67 -18.30 -17.90 6.80
CA LEU C 67 -17.80 -16.85 5.96
C LEU C 67 -18.52 -16.83 4.57
N ASP C 68 -18.87 -18.01 4.04
CA ASP C 68 -19.56 -18.09 2.74
C ASP C 68 -20.96 -17.45 2.73
N LYS C 69 -21.54 -17.23 3.90
CA LYS C 69 -22.80 -16.47 3.98
C LYS C 69 -22.63 -15.06 3.41
N THR C 70 -21.44 -14.50 3.57
CA THR C 70 -21.09 -13.20 3.05
C THR C 70 -19.77 -13.33 2.31
N PRO C 71 -19.80 -14.03 1.19
CA PRO C 71 -18.59 -14.48 0.54
C PRO C 71 -17.74 -13.38 -0.12
N SER C 72 -16.45 -13.65 -0.20
CA SER C 72 -15.51 -12.76 -0.82
C SER C 72 -14.94 -13.44 -2.07
N PRO C 73 -14.25 -12.70 -2.93
CA PRO C 73 -13.69 -13.34 -4.13
C PRO C 73 -12.65 -14.41 -3.74
N GLN C 74 -12.54 -15.44 -4.59
CA GLN C 74 -11.69 -16.59 -4.37
C GLN C 74 -10.78 -16.79 -5.55
N LYS C 75 -9.64 -17.44 -5.32
CA LYS C 75 -8.73 -17.84 -6.42
C LYS C 75 -9.45 -18.75 -7.41
N PRO C 76 -9.39 -18.42 -8.72
CA PRO C 76 -10.02 -19.30 -9.72
C PRO C 76 -9.12 -20.47 -10.13
N GLN D 6 5.08 9.31 -13.91
CA GLN D 6 4.60 9.87 -15.21
C GLN D 6 3.38 10.80 -15.10
N ASP D 7 2.60 10.71 -14.02
CA ASP D 7 1.66 11.79 -13.62
C ASP D 7 2.44 13.10 -13.41
N CYS D 8 2.11 14.14 -14.17
CA CYS D 8 2.92 15.39 -14.17
C CYS D 8 2.14 16.75 -14.07
N CYS D 9 2.88 17.76 -13.65
CA CYS D 9 2.32 19.08 -13.35
C CYS D 9 2.01 19.89 -14.58
N LEU D 10 0.78 20.42 -14.63
CA LEU D 10 0.32 21.35 -15.64
C LEU D 10 0.16 22.82 -15.17
N LYS D 11 0.15 23.08 -13.85
CA LYS D 11 -0.16 24.39 -13.28
C LYS D 11 0.63 24.53 -12.00
N TYR D 12 0.72 25.74 -11.44
CA TYR D 12 1.53 25.98 -10.29
C TYR D 12 0.70 26.51 -9.09
N SER D 13 1.07 26.10 -7.89
CA SER D 13 0.39 26.58 -6.69
C SER D 13 0.38 28.05 -6.63
N GLN D 14 -0.80 28.59 -6.36
CA GLN D 14 -0.95 29.99 -6.07
C GLN D 14 -0.76 30.29 -4.55
N ARG D 15 -0.57 29.24 -3.75
CA ARG D 15 -0.42 29.42 -2.31
C ARG D 15 0.84 28.72 -1.80
N LYS D 16 1.50 29.32 -0.79
CA LYS D 16 2.64 28.73 -0.10
C LYS D 16 2.20 27.61 0.83
N ILE D 17 2.97 26.51 0.85
CA ILE D 17 2.81 25.47 1.90
C ILE D 17 3.95 25.61 2.92
N PRO D 18 3.65 25.32 4.20
CA PRO D 18 4.73 25.19 5.20
C PRO D 18 5.54 23.90 5.03
N ALA D 19 6.82 23.98 5.37
CA ALA D 19 7.70 22.83 5.46
C ALA D 19 7.14 21.72 6.36
N LYS D 20 6.46 22.10 7.44
CA LYS D 20 5.98 21.08 8.41
C LYS D 20 4.90 20.16 7.82
N VAL D 21 4.30 20.59 6.71
CA VAL D 21 3.31 19.83 5.95
C VAL D 21 3.91 18.91 4.86
N VAL D 22 5.22 19.02 4.58
CA VAL D 22 5.80 18.36 3.40
C VAL D 22 6.73 17.26 3.80
N ARG D 23 6.67 16.13 3.12
CA ARG D 23 7.57 15.06 3.47
C ARG D 23 8.89 15.20 2.68
N SER D 24 8.77 15.60 1.41
CA SER D 24 9.85 15.57 0.45
C SER D 24 9.47 16.32 -0.84
N TYR D 25 10.41 16.51 -1.74
CA TYR D 25 10.08 17.07 -3.07
C TYR D 25 10.73 16.26 -4.17
N ARG D 26 10.20 16.38 -5.37
CA ARG D 26 10.95 15.98 -6.56
C ARG D 26 10.79 16.98 -7.65
N LYS D 27 11.70 16.91 -8.60
CA LYS D 27 11.76 17.86 -9.72
C LYS D 27 11.18 17.26 -10.94
N GLN D 28 10.39 18.04 -11.66
CA GLN D 28 9.86 17.61 -12.92
C GLN D 28 10.55 18.39 -13.96
N GLU D 29 10.97 17.71 -15.01
CA GLU D 29 11.57 18.35 -16.16
C GLU D 29 10.52 18.40 -17.25
N PRO D 30 10.60 19.39 -18.15
CA PRO D 30 9.76 19.40 -19.33
C PRO D 30 9.72 18.05 -20.05
N SER D 31 8.54 17.69 -20.54
CA SER D 31 8.37 16.50 -21.40
C SER D 31 7.08 16.61 -22.26
N LEU D 32 6.72 15.54 -22.93
CA LEU D 32 5.59 15.53 -23.86
C LEU D 32 4.25 15.73 -23.17
N GLY D 33 4.03 14.98 -22.10
CA GLY D 33 2.81 15.16 -21.30
C GLY D 33 2.68 16.60 -20.81
N CYS D 34 3.73 17.05 -20.13
CA CYS D 34 3.76 18.32 -19.45
C CYS D 34 5.04 19.04 -19.88
N SER D 35 4.95 19.96 -20.80
CA SER D 35 6.16 20.62 -21.31
C SER D 35 6.73 21.74 -20.40
N ILE D 36 6.32 21.79 -19.13
CA ILE D 36 6.92 22.73 -18.16
C ILE D 36 7.81 22.09 -17.12
N PRO D 37 8.76 22.87 -16.57
CA PRO D 37 9.43 22.38 -15.36
C PRO D 37 8.50 22.60 -14.13
N ALA D 38 8.65 21.81 -13.09
CA ALA D 38 7.88 21.98 -11.85
C ALA D 38 8.58 21.32 -10.71
N ILE D 39 8.23 21.78 -9.52
CA ILE D 39 8.63 21.15 -8.28
C ILE D 39 7.36 20.52 -7.77
N LEU D 40 7.48 19.26 -7.33
CA LEU D 40 6.36 18.48 -6.81
C LEU D 40 6.65 18.26 -5.38
N PHE D 41 5.83 18.87 -4.50
CA PHE D 41 5.93 18.72 -3.05
C PHE D 41 4.97 17.63 -2.58
N LEU D 42 5.53 16.71 -1.80
CA LEU D 42 4.87 15.48 -1.38
C LEU D 42 4.46 15.63 0.07
N PRO D 43 3.17 15.44 0.38
CA PRO D 43 2.75 15.76 1.77
C PRO D 43 3.08 14.63 2.76
N ARG D 44 3.05 14.99 4.03
CA ARG D 44 3.22 14.03 5.13
C ARG D 44 2.00 13.14 5.25
N LYS D 45 0.82 13.78 5.22
CA LYS D 45 -0.47 13.09 5.31
C LYS D 45 -0.80 12.40 4.02
N ARG D 46 -1.20 11.15 4.13
CA ARG D 46 -1.75 10.40 2.98
C ARG D 46 -3.09 10.99 2.41
N SER D 47 -3.81 11.76 3.22
CA SER D 47 -5.08 12.40 2.82
C SER D 47 -4.91 13.67 1.98
N GLN D 48 -3.65 14.10 1.82
CA GLN D 48 -3.33 15.31 1.09
C GLN D 48 -2.70 15.00 -0.26
N ALA D 49 -2.96 15.88 -1.19
CA ALA D 49 -2.53 15.70 -2.55
C ALA D 49 -1.10 16.25 -2.67
N GLU D 50 -0.38 15.75 -3.66
CA GLU D 50 0.93 16.28 -4.02
C GLU D 50 0.68 17.63 -4.63
N LEU D 51 1.64 18.51 -4.52
CA LEU D 51 1.42 19.90 -4.92
C LEU D 51 2.46 20.29 -5.98
N CYS D 52 2.02 20.84 -7.09
CA CYS D 52 2.87 21.31 -8.14
C CYS D 52 3.19 22.78 -7.88
N ALA D 53 4.46 23.14 -8.04
CA ALA D 53 4.91 24.52 -7.72
C ALA D 53 5.95 25.03 -8.68
N ASP D 54 6.00 26.37 -8.83
CA ASP D 54 6.89 27.05 -9.77
C ASP D 54 8.36 27.06 -9.31
N PRO D 55 9.28 26.38 -10.03
CA PRO D 55 10.68 26.38 -9.60
C PRO D 55 11.35 27.75 -9.51
N LYS D 56 10.81 28.73 -10.23
CA LYS D 56 11.33 30.09 -10.15
C LYS D 56 10.92 30.87 -8.93
N GLU D 57 9.85 30.47 -8.23
CA GLU D 57 9.37 31.26 -7.14
C GLU D 57 10.27 31.16 -5.92
N LEU D 58 10.50 32.30 -5.27
CA LEU D 58 11.40 32.34 -4.11
C LEU D 58 10.97 31.40 -2.97
N TRP D 59 9.69 31.34 -2.66
CA TRP D 59 9.29 30.45 -1.56
C TRP D 59 9.49 28.97 -1.88
N VAL D 60 9.40 28.63 -3.16
CA VAL D 60 9.64 27.26 -3.64
C VAL D 60 11.10 26.86 -3.41
N GLN D 61 11.99 27.73 -3.86
CA GLN D 61 13.40 27.54 -3.70
C GLN D 61 13.79 27.51 -2.24
N GLN D 62 13.15 28.35 -1.45
CA GLN D 62 13.43 28.40 -0.03
C GLN D 62 12.99 27.07 0.63
N LEU D 63 11.83 26.57 0.26
CA LEU D 63 11.37 25.30 0.79
C LEU D 63 12.24 24.11 0.40
N MET D 64 12.60 24.01 -0.85
CA MET D 64 13.48 22.95 -1.31
C MET D 64 14.81 22.94 -0.58
N GLN D 65 15.35 24.14 -0.33
CA GLN D 65 16.64 24.34 0.37
C GLN D 65 16.56 23.91 1.79
N HIS D 66 15.41 24.13 2.41
CA HIS D 66 15.17 23.68 3.74
C HIS D 66 15.04 22.14 3.81
N LEU D 67 14.30 21.56 2.90
CA LEU D 67 14.13 20.10 2.88
C LEU D 67 15.49 19.41 2.52
N ASP D 68 16.36 20.12 1.80
CA ASP D 68 17.67 19.56 1.38
C ASP D 68 18.64 19.39 2.55
N LYS D 69 18.34 20.02 3.70
CA LYS D 69 19.11 19.85 4.92
C LYS D 69 18.93 18.47 5.53
N THR D 70 17.81 17.84 5.21
CA THR D 70 17.52 16.47 5.56
C THR D 70 17.07 15.80 4.27
N PRO D 71 17.96 15.65 3.28
CA PRO D 71 17.53 15.30 1.92
C PRO D 71 17.02 13.87 1.77
N SER D 72 16.14 13.63 0.79
CA SER D 72 15.64 12.29 0.42
C SER D 72 16.23 11.92 -0.95
N PRO D 73 16.15 10.65 -1.36
CA PRO D 73 16.66 10.31 -2.69
C PRO D 73 15.91 11.11 -3.83
N GLN D 74 16.57 11.18 -4.97
CA GLN D 74 16.10 11.94 -6.12
C GLN D 74 16.56 11.20 -7.37
N LYS D 75 16.11 11.68 -8.55
CA LYS D 75 16.59 11.20 -9.86
C LYS D 75 18.13 11.36 -10.09
N PRO D 76 18.72 10.50 -10.95
CA PRO D 76 20.04 10.68 -11.54
C PRO D 76 20.32 12.06 -12.19
N ALA E 5 11.53 3.75 -10.04
CA ALA E 5 12.22 5.00 -9.59
C ALA E 5 13.62 5.15 -10.19
N GLN E 6 14.50 4.20 -9.90
CA GLN E 6 15.96 4.40 -9.99
C GLN E 6 16.48 5.56 -9.08
N ASP E 7 15.74 5.94 -8.03
CA ASP E 7 16.07 7.14 -7.24
C ASP E 7 17.21 6.78 -6.30
N CYS E 8 17.99 7.80 -5.95
CA CYS E 8 19.17 7.59 -5.13
C CYS E 8 19.65 8.91 -4.51
N CYS E 9 20.57 8.79 -3.57
CA CYS E 9 21.03 9.93 -2.77
C CYS E 9 22.06 10.81 -3.51
N LEU E 10 21.77 12.08 -3.57
CA LEU E 10 22.65 13.10 -4.15
C LEU E 10 23.30 14.02 -3.12
N LYS E 11 22.67 14.16 -1.93
CA LYS E 11 23.18 15.04 -0.87
C LYS E 11 23.09 14.30 0.47
N TYR E 12 23.68 14.87 1.53
CA TYR E 12 23.75 14.22 2.84
C TYR E 12 23.09 15.09 3.91
N SER E 13 22.43 14.46 4.89
CA SER E 13 21.85 15.17 6.01
C SER E 13 22.86 16.07 6.64
N GLN E 14 22.45 17.31 6.83
CA GLN E 14 23.17 18.27 7.63
C GLN E 14 22.72 18.24 9.10
N ARG E 15 21.82 17.34 9.41
CA ARG E 15 21.32 17.20 10.78
C ARG E 15 21.48 15.78 11.24
N LYS E 16 21.89 15.59 12.49
CA LYS E 16 21.81 14.30 13.19
C LYS E 16 20.37 13.95 13.44
N ILE E 17 19.97 12.68 13.35
CA ILE E 17 18.60 12.31 13.77
C ILE E 17 18.67 11.29 14.86
N PRO E 18 17.68 11.29 15.78
CA PRO E 18 17.79 10.26 16.81
C PRO E 18 17.32 8.90 16.29
N ALA E 19 17.75 7.85 16.96
CA ALA E 19 17.39 6.50 16.59
C ALA E 19 15.92 6.19 16.69
N LYS E 20 15.21 6.90 17.57
CA LYS E 20 13.79 6.69 17.78
C LYS E 20 12.98 6.92 16.54
N VAL E 21 13.41 7.78 15.61
CA VAL E 21 12.65 7.95 14.37
C VAL E 21 13.03 6.98 13.24
N VAL E 22 13.99 6.10 13.46
CA VAL E 22 14.52 5.30 12.35
C VAL E 22 14.31 3.82 12.60
N ARG E 23 13.91 3.08 11.58
CA ARG E 23 13.66 1.64 11.73
C ARG E 23 14.74 0.71 11.16
N SER E 24 15.48 1.16 10.14
CA SER E 24 16.54 0.38 9.55
C SER E 24 17.31 1.30 8.60
N TYR E 25 18.33 0.76 7.96
CA TYR E 25 19.04 1.45 6.90
C TYR E 25 19.36 0.53 5.72
N ARG E 26 19.77 1.16 4.63
CA ARG E 26 20.23 0.51 3.40
C ARG E 26 21.49 1.26 2.96
N LYS E 27 22.35 0.57 2.23
CA LYS E 27 23.59 1.15 1.78
C LYS E 27 23.49 1.38 0.29
N GLN E 28 23.88 2.58 -0.16
CA GLN E 28 23.97 2.91 -1.59
C GLN E 28 25.45 2.95 -1.95
N GLU E 29 25.81 2.24 -3.03
CA GLU E 29 27.14 2.27 -3.61
C GLU E 29 27.10 3.24 -4.79
N PRO E 30 28.22 3.89 -5.12
CA PRO E 30 28.22 4.81 -6.27
C PRO E 30 27.81 4.14 -7.58
N SER E 31 26.90 4.76 -8.32
CA SER E 31 26.47 4.30 -9.64
C SER E 31 26.47 5.49 -10.63
N LEU E 32 25.90 5.31 -11.82
CA LEU E 32 25.96 6.34 -12.86
C LEU E 32 24.78 7.25 -12.56
N GLY E 33 25.03 8.54 -12.43
CA GLY E 33 24.00 9.48 -11.97
C GLY E 33 23.97 9.67 -10.46
N CYS E 34 24.03 8.59 -9.68
CA CYS E 34 24.30 8.74 -8.25
C CYS E 34 25.72 8.37 -7.94
N SER E 35 26.57 9.38 -8.09
CA SER E 35 28.00 9.25 -7.99
C SER E 35 28.62 9.08 -6.60
N ILE E 36 27.83 9.13 -5.53
CA ILE E 36 28.37 9.10 -4.16
C ILE E 36 27.88 7.84 -3.46
N PRO E 37 28.66 7.32 -2.50
CA PRO E 37 28.08 6.31 -1.58
C PRO E 37 27.19 7.07 -0.56
N ALA E 38 26.14 6.39 -0.08
CA ALA E 38 25.30 6.99 0.95
C ALA E 38 24.77 5.90 1.87
N ILE E 39 24.40 6.32 3.07
CA ILE E 39 23.52 5.53 3.96
C ILE E 39 22.09 6.15 3.80
N LEU E 40 21.09 5.31 3.55
CA LEU E 40 19.71 5.72 3.54
C LEU E 40 19.05 5.20 4.82
N PHE E 41 18.59 6.11 5.69
CA PHE E 41 17.86 5.75 6.91
C PHE E 41 16.38 5.74 6.61
N LEU E 42 15.70 4.64 6.94
CA LEU E 42 14.29 4.48 6.65
C LEU E 42 13.46 4.81 7.87
N PRO E 43 12.32 5.50 7.68
CA PRO E 43 11.57 6.00 8.83
C PRO E 43 10.67 4.98 9.54
N ARG E 44 10.57 5.06 10.87
CA ARG E 44 9.60 4.30 11.64
C ARG E 44 8.18 4.61 11.13
N LYS E 45 7.90 5.89 10.87
CA LYS E 45 6.63 6.30 10.27
C LYS E 45 6.74 6.17 8.75
N ARG E 46 6.15 5.12 8.21
CA ARG E 46 6.42 4.66 6.82
C ARG E 46 6.09 5.70 5.75
N SER E 47 5.24 6.68 6.15
CA SER E 47 4.87 7.87 5.38
C SER E 47 5.91 9.03 5.34
N GLN E 48 6.86 9.06 6.28
CA GLN E 48 7.99 10.01 6.16
C GLN E 48 8.95 9.60 5.06
N ALA E 49 9.87 10.51 4.77
CA ALA E 49 10.80 10.26 3.70
C ALA E 49 11.97 9.50 4.28
N GLU E 50 12.68 8.83 3.39
CA GLU E 50 13.97 8.26 3.65
C GLU E 50 14.97 9.40 3.85
N LEU E 51 16.09 9.14 4.53
CA LEU E 51 17.06 10.21 4.83
C LEU E 51 18.42 9.75 4.37
N CYS E 52 19.03 10.52 3.48
CA CYS E 52 20.33 10.27 2.93
C CYS E 52 21.35 10.85 3.88
N ALA E 53 22.40 10.07 4.14
CA ALA E 53 23.45 10.54 5.03
C ALA E 53 24.81 10.06 4.60
N ASP E 54 25.82 10.76 5.12
CA ASP E 54 27.23 10.51 4.86
C ASP E 54 27.81 9.31 5.66
N PRO E 55 28.19 8.20 4.98
CA PRO E 55 28.79 7.03 5.61
C PRO E 55 30.05 7.35 6.47
N LYS E 56 30.76 8.41 6.14
CA LYS E 56 31.91 8.86 6.90
C LYS E 56 31.62 9.52 8.26
N GLU E 57 30.44 10.12 8.44
CA GLU E 57 30.16 10.84 9.68
C GLU E 57 29.97 9.92 10.88
N LEU E 58 30.55 10.29 12.01
CA LEU E 58 30.55 9.40 13.14
C LEU E 58 29.15 9.12 13.67
N TRP E 59 28.28 10.13 13.71
CA TRP E 59 26.88 9.86 14.14
C TRP E 59 26.15 8.85 13.25
N VAL E 60 26.48 8.84 11.94
CA VAL E 60 25.92 7.91 10.99
C VAL E 60 26.38 6.48 11.24
N GLN E 61 27.69 6.30 11.34
CA GLN E 61 28.29 5.06 11.79
C GLN E 61 27.75 4.54 13.14
N GLN E 62 27.58 5.41 14.11
CA GLN E 62 27.07 5.01 15.41
C GLN E 62 25.64 4.49 15.29
N LEU E 63 24.80 5.22 14.57
CA LEU E 63 23.42 4.82 14.39
C LEU E 63 23.29 3.49 13.62
N MET E 64 24.05 3.29 12.57
CA MET E 64 24.07 2.01 11.83
C MET E 64 24.45 0.88 12.76
N GLN E 65 25.48 1.12 13.58
CA GLN E 65 25.93 0.12 14.53
C GLN E 65 24.88 -0.19 15.63
N HIS E 66 24.13 0.81 16.05
CA HIS E 66 22.97 0.59 16.94
C HIS E 66 21.88 -0.25 16.28
N LEU E 67 21.50 0.14 15.06
CA LEU E 67 20.52 -0.57 14.30
C LEU E 67 20.98 -2.00 14.00
N ASP E 68 22.30 -2.22 13.80
CA ASP E 68 22.79 -3.56 13.50
C ASP E 68 22.62 -4.54 14.65
N LYS E 69 22.37 -4.04 15.86
CA LYS E 69 22.14 -4.95 16.96
C LYS E 69 20.88 -5.77 16.79
N THR E 70 19.95 -5.18 16.03
CA THR E 70 18.71 -5.79 15.64
C THR E 70 18.56 -5.58 14.13
N PRO E 71 19.38 -6.29 13.37
CA PRO E 71 19.51 -5.99 11.95
C PRO E 71 18.28 -6.28 11.13
N SER E 72 18.08 -5.49 10.09
CA SER E 72 17.02 -5.71 9.13
C SER E 72 17.65 -6.26 7.85
N PRO E 73 16.84 -6.79 6.94
CA PRO E 73 17.41 -7.10 5.59
C PRO E 73 18.11 -5.92 4.89
N GLN E 74 19.07 -6.22 4.03
CA GLN E 74 19.90 -5.26 3.33
C GLN E 74 19.87 -5.61 1.86
N LYS E 75 20.42 -4.72 1.03
CA LYS E 75 20.68 -4.98 -0.39
C LYS E 75 21.74 -6.08 -0.58
N PRO E 76 21.53 -7.04 -1.53
CA PRO E 76 22.60 -8.03 -1.79
C PRO E 76 23.95 -7.33 -2.00
N ALA E 77 24.88 -7.59 -1.09
CA ALA E 77 26.09 -6.79 -0.94
C ALA E 77 27.26 -7.39 -1.67
N ASP F 7 -8.81 -12.84 -9.04
CA ASP F 7 -9.82 -13.39 -8.06
C ASP F 7 -11.26 -13.16 -8.56
N CYS F 8 -12.14 -14.10 -8.22
CA CYS F 8 -13.47 -14.27 -8.80
C CYS F 8 -14.45 -14.61 -7.70
N CYS F 9 -15.65 -14.03 -7.77
CA CYS F 9 -16.78 -14.42 -6.95
C CYS F 9 -17.28 -15.81 -7.42
N LEU F 10 -17.44 -16.73 -6.45
CA LEU F 10 -17.99 -18.04 -6.67
C LEU F 10 -19.35 -18.27 -5.97
N LYS F 11 -19.67 -17.43 -4.97
CA LYS F 11 -20.96 -17.47 -4.29
C LYS F 11 -21.53 -16.03 -4.06
N TYR F 12 -22.79 -16.00 -3.68
CA TYR F 12 -23.47 -14.76 -3.43
C TYR F 12 -23.88 -14.55 -2.00
N SER F 13 -23.74 -13.34 -1.48
CA SER F 13 -24.21 -12.98 -0.17
C SER F 13 -25.59 -13.49 0.06
N GLN F 14 -25.77 -14.08 1.23
CA GLN F 14 -27.06 -14.59 1.65
C GLN F 14 -27.70 -13.53 2.55
N ARG F 15 -27.01 -12.40 2.72
CA ARG F 15 -27.53 -11.33 3.57
C ARG F 15 -27.52 -10.03 2.77
N LYS F 16 -28.58 -9.23 2.88
CA LYS F 16 -28.65 -7.89 2.32
C LYS F 16 -27.63 -7.01 3.07
N ILE F 17 -26.86 -6.17 2.36
CA ILE F 17 -25.95 -5.21 3.03
C ILE F 17 -26.44 -3.77 2.94
N PRO F 18 -26.40 -3.06 4.09
CA PRO F 18 -26.73 -1.64 4.08
C PRO F 18 -25.72 -0.84 3.30
N ALA F 19 -26.19 0.21 2.69
CA ALA F 19 -25.34 1.08 1.88
C ALA F 19 -24.17 1.72 2.64
N LYS F 20 -24.34 1.91 3.96
CA LYS F 20 -23.37 2.62 4.75
C LYS F 20 -22.10 1.84 5.01
N VAL F 21 -22.12 0.54 4.72
CA VAL F 21 -20.94 -0.24 4.88
C VAL F 21 -20.12 -0.32 3.58
N VAL F 22 -20.63 0.22 2.48
CA VAL F 22 -20.07 -0.01 1.16
C VAL F 22 -19.66 1.32 0.63
N ARG F 23 -18.57 1.36 -0.11
CA ARG F 23 -18.16 2.58 -0.72
C ARG F 23 -18.41 2.67 -2.25
N SER F 24 -18.48 1.53 -2.94
CA SER F 24 -18.65 1.47 -4.41
C SER F 24 -18.88 0.03 -4.84
N TYR F 25 -19.11 -0.21 -6.12
CA TYR F 25 -19.19 -1.56 -6.65
C TYR F 25 -18.45 -1.69 -7.95
N ARG F 26 -18.29 -2.94 -8.37
CA ARG F 26 -17.65 -3.33 -9.61
C ARG F 26 -18.38 -4.56 -10.12
N LYS F 27 -18.47 -4.70 -11.44
CA LYS F 27 -19.18 -5.84 -12.01
C LYS F 27 -18.17 -6.89 -12.42
N GLN F 28 -18.54 -8.13 -12.14
CA GLN F 28 -17.79 -9.28 -12.59
C GLN F 28 -18.66 -9.90 -13.68
N GLU F 29 -18.06 -10.05 -14.86
CA GLU F 29 -18.64 -10.80 -15.96
C GLU F 29 -17.75 -11.99 -16.23
N PRO F 30 -18.22 -12.96 -17.05
CA PRO F 30 -17.37 -14.02 -17.56
C PRO F 30 -15.99 -13.58 -18.09
N SER F 31 -14.94 -13.92 -17.33
CA SER F 31 -13.53 -13.69 -17.70
C SER F 31 -12.68 -14.97 -17.46
N LEU F 32 -11.35 -14.84 -17.65
CA LEU F 32 -10.33 -15.93 -17.47
C LEU F 32 -10.55 -16.84 -16.28
N GLY F 33 -10.57 -16.23 -15.09
CA GLY F 33 -10.82 -16.96 -13.86
C GLY F 33 -12.28 -17.27 -13.58
N CYS F 34 -13.16 -16.32 -13.95
CA CYS F 34 -14.57 -16.32 -13.51
C CYS F 34 -15.49 -16.79 -14.60
N SER F 35 -16.32 -17.80 -14.28
CA SER F 35 -17.34 -18.31 -15.15
C SER F 35 -18.72 -17.74 -14.85
N ILE F 36 -18.88 -17.05 -13.71
CA ILE F 36 -20.22 -16.56 -13.31
C ILE F 36 -20.18 -15.03 -13.26
N PRO F 37 -21.34 -14.39 -13.46
CA PRO F 37 -21.43 -12.98 -13.22
C PRO F 37 -21.69 -12.67 -11.72
N ALA F 38 -21.15 -11.56 -11.25
CA ALA F 38 -21.40 -11.15 -9.88
C ALA F 38 -21.34 -9.63 -9.76
N ILE F 39 -21.86 -9.12 -8.67
CA ILE F 39 -21.61 -7.73 -8.28
C ILE F 39 -20.67 -7.83 -7.07
N LEU F 40 -19.61 -7.03 -7.05
CA LEU F 40 -18.67 -6.99 -5.95
C LEU F 40 -18.82 -5.68 -5.20
N PHE F 41 -19.31 -5.68 -3.98
CA PHE F 41 -19.42 -4.49 -3.14
C PHE F 41 -18.11 -4.23 -2.40
N LEU F 42 -17.58 -3.01 -2.52
CA LEU F 42 -16.30 -2.69 -1.91
C LEU F 42 -16.56 -1.97 -0.54
N PRO F 43 -15.83 -2.39 0.50
CA PRO F 43 -16.08 -1.86 1.86
C PRO F 43 -15.52 -0.43 2.15
N ARG F 44 -16.22 0.30 3.02
CA ARG F 44 -15.73 1.57 3.56
C ARG F 44 -14.47 1.33 4.40
N LYS F 45 -14.57 0.33 5.26
CA LYS F 45 -13.48 -0.10 6.16
C LYS F 45 -12.61 -1.21 5.51
N ARG F 46 -11.30 -1.26 5.75
CA ARG F 46 -10.49 -2.38 5.18
C ARG F 46 -10.19 -3.62 6.05
N SER F 47 -10.51 -3.54 7.33
CA SER F 47 -10.80 -4.77 8.06
C SER F 47 -11.96 -5.60 7.48
N GLN F 48 -12.62 -5.07 6.43
CA GLN F 48 -13.70 -5.72 5.73
C GLN F 48 -13.23 -6.34 4.37
N ALA F 49 -13.76 -7.51 4.01
CA ALA F 49 -13.48 -8.05 2.68
C ALA F 49 -14.48 -7.41 1.68
N GLU F 50 -14.20 -7.58 0.40
CA GLU F 50 -15.16 -7.28 -0.66
C GLU F 50 -16.27 -8.32 -0.61
N LEU F 51 -17.47 -7.95 -1.03
CA LEU F 51 -18.63 -8.76 -0.82
C LEU F 51 -19.23 -9.10 -2.14
N CYS F 52 -19.32 -10.40 -2.42
CA CYS F 52 -19.91 -10.88 -3.67
C CYS F 52 -21.45 -10.96 -3.53
N ALA F 53 -22.16 -10.51 -4.58
CA ALA F 53 -23.59 -10.55 -4.58
C ALA F 53 -24.21 -10.90 -5.95
N ASP F 54 -25.48 -11.28 -5.90
CA ASP F 54 -26.25 -11.72 -7.05
C ASP F 54 -26.87 -10.53 -7.80
N PRO F 55 -26.50 -10.31 -9.08
CA PRO F 55 -27.00 -9.22 -9.93
C PRO F 55 -28.49 -9.24 -10.16
N LYS F 56 -29.07 -10.43 -10.13
CA LYS F 56 -30.52 -10.59 -10.26
C LYS F 56 -31.29 -10.20 -9.05
N GLU F 57 -30.71 -10.20 -7.86
CA GLU F 57 -31.50 -9.85 -6.69
C GLU F 57 -31.88 -8.40 -6.59
N LEU F 58 -33.11 -8.16 -6.15
CA LEU F 58 -33.63 -6.82 -6.13
C LEU F 58 -32.87 -5.90 -5.17
N TRP F 59 -32.42 -6.39 -3.99
CA TRP F 59 -31.69 -5.50 -3.07
C TRP F 59 -30.35 -5.16 -3.68
N VAL F 60 -29.75 -6.06 -4.45
CA VAL F 60 -28.47 -5.74 -5.09
C VAL F 60 -28.61 -4.66 -6.16
N GLN F 61 -29.66 -4.77 -6.97
CA GLN F 61 -30.01 -3.74 -7.93
C GLN F 61 -30.24 -2.37 -7.26
N GLN F 62 -31.01 -2.40 -6.20
CA GLN F 62 -31.33 -1.21 -5.48
C GLN F 62 -30.02 -0.61 -4.96
N LEU F 63 -29.13 -1.45 -4.39
CA LEU F 63 -27.93 -0.89 -3.82
C LEU F 63 -27.07 -0.28 -4.90
N MET F 64 -26.88 -0.99 -6.01
CA MET F 64 -26.10 -0.44 -7.11
C MET F 64 -26.65 0.92 -7.62
N GLN F 65 -27.96 0.99 -7.70
CA GLN F 65 -28.62 2.19 -8.20
C GLN F 65 -28.44 3.34 -7.25
N HIS F 66 -28.45 3.08 -5.95
CA HIS F 66 -28.13 4.09 -4.97
C HIS F 66 -26.66 4.56 -5.05
N LEU F 67 -25.75 3.62 -5.24
CA LEU F 67 -24.31 3.96 -5.33
C LEU F 67 -24.10 4.78 -6.62
N ASP F 68 -24.88 4.50 -7.67
CA ASP F 68 -24.71 5.22 -8.92
C ASP F 68 -25.13 6.69 -8.89
N LYS F 69 -25.82 7.11 -7.83
CA LYS F 69 -26.04 8.56 -7.57
C LYS F 69 -24.74 9.33 -7.41
N THR F 70 -23.77 8.68 -6.79
CA THR F 70 -22.42 9.18 -6.65
C THR F 70 -21.44 8.14 -7.21
N PRO F 71 -21.40 7.94 -8.55
CA PRO F 71 -20.73 6.81 -9.20
C PRO F 71 -19.20 6.84 -9.12
N SER F 72 -18.59 5.67 -9.03
CA SER F 72 -17.17 5.47 -9.08
C SER F 72 -16.73 4.90 -10.44
N PRO F 73 -15.43 4.94 -10.73
CA PRO F 73 -15.10 4.31 -12.02
C PRO F 73 -15.43 2.81 -12.07
N GLN F 74 -15.60 2.29 -13.27
CA GLN F 74 -16.03 0.90 -13.46
C GLN F 74 -15.06 0.21 -14.39
N LYS F 75 -15.22 -1.11 -14.46
CA LYS F 75 -14.43 -1.94 -15.36
C LYS F 75 -14.98 -1.65 -16.75
N PRO F 76 -14.13 -1.71 -17.80
CA PRO F 76 -14.59 -1.43 -19.17
C PRO F 76 -15.79 -0.50 -19.44
S SO4 G . -2.83 13.06 -5.70
O1 SO4 G . -3.27 13.89 -6.84
O2 SO4 G . -3.95 12.95 -4.76
O3 SO4 G . -2.53 11.74 -6.30
O4 SO4 G . -1.64 13.74 -5.08
S SO4 H . 2.20 -12.90 6.91
O1 SO4 H . 2.23 -11.95 5.76
O2 SO4 H . 0.78 -13.27 7.11
O3 SO4 H . 2.82 -12.14 8.02
O4 SO4 H . 2.96 -14.13 6.53
S SO4 I . -10.55 -9.71 0.80
O1 SO4 I . -10.89 -10.92 0.03
O2 SO4 I . -11.47 -8.64 0.33
O3 SO4 I . -10.74 -10.05 2.24
O4 SO4 I . -9.10 -9.37 0.74
S SO4 J . 12.57 -3.01 6.66
O1 SO4 J . 11.94 -2.82 5.32
O2 SO4 J . 12.22 -1.85 7.52
O3 SO4 J . 14.01 -3.07 6.51
O4 SO4 J . 12.10 -4.29 7.25
S SO4 K . -13.26 3.00 -5.57
O1 SO4 K . -13.02 4.46 -5.73
O2 SO4 K . -14.27 2.48 -6.53
O3 SO4 K . -11.99 2.26 -5.81
O4 SO4 K . -13.77 2.71 -4.21
#